data_7HJJ
#
_entry.id   7HJJ
#
_cell.length_a   26.193
_cell.length_b   47.741
_cell.length_c   46.176
_cell.angle_alpha   90.000
_cell.angle_beta   103.610
_cell.angle_gamma   90.000
#
_symmetry.space_group_name_H-M   'P 1 21 1'
#
loop_
_entity.id
_entity.type
_entity.pdbx_description
1 polymer 'De novo designed ABLE protein'
2 non-polymer '5-methyl-1-phenyl-pyrazole-4-carboxylic acid'
3 water water
#
_entity_poly.entity_id   1
_entity_poly.type   'polypeptide(L)'
_entity_poly.pdbx_seq_one_letter_code
;SVKSEYAEAAAVGQEAVAVFNTMKAAFQNGDKEAVAQYLARLASLYTRHEELLNRILEKARREGNKEAVTLMNEFTATFQ
TGKSIFNAMVAAFKNGDDDSFESYLQALEKVTAKGETLADQIAKAL
;
_entity_poly.pdbx_strand_id   A
#
loop_
_chem_comp.id
_chem_comp.type
_chem_comp.name
_chem_comp.formula
9FH non-polymer '5-methyl-1-phenyl-pyrazole-4-carboxylic acid' 'C11 H10 N2 O2'
#
# COMPACT_ATOMS: atom_id res chain seq x y z
N SER A 1 1.26 -2.90 21.17
N SER A 1 1.26 -2.83 21.34
CA SER A 1 1.57 -4.26 20.68
CA SER A 1 1.34 -4.22 20.84
C SER A 1 1.77 -4.25 19.18
C SER A 1 1.49 -4.20 19.35
N VAL A 2 2.27 -5.37 18.65
N VAL A 2 2.04 -5.28 18.77
CA VAL A 2 2.44 -5.49 17.20
CA VAL A 2 2.15 -5.37 17.32
C VAL A 2 1.09 -5.54 16.52
C VAL A 2 0.76 -5.17 16.69
N LYS A 3 0.05 -5.98 17.23
N LYS A 3 -0.30 -5.43 17.46
CA LYS A 3 -1.28 -6.08 16.63
CA LYS A 3 -1.66 -5.35 16.94
C LYS A 3 -1.92 -4.69 16.51
C LYS A 3 -2.18 -3.91 16.87
N SER A 4 -1.73 -3.84 17.51
N SER A 4 -1.98 -3.12 17.94
CA SER A 4 -2.23 -2.48 17.41
CA SER A 4 -2.19 -1.67 17.81
C SER A 4 -1.44 -1.68 16.39
C SER A 4 -1.31 -1.11 16.69
N GLU A 5 -0.13 -1.93 16.29
N GLU A 5 -0.12 -1.66 16.53
CA GLU A 5 0.70 -1.25 15.29
CA GLU A 5 0.71 -1.23 15.41
C GLU A 5 0.29 -1.64 13.88
C GLU A 5 0.09 -1.66 14.08
N TYR A 6 -0.27 -2.83 13.70
N TYR A 6 -0.50 -2.86 14.03
CA TYR A 6 -0.77 -3.22 12.38
CA TYR A 6 -1.19 -3.29 12.82
C TYR A 6 -2.08 -2.50 12.05
C TYR A 6 -2.38 -2.39 12.50
N ALA A 7 -2.98 -2.39 13.02
N ALA A 7 -3.15 -2.03 13.52
CA ALA A 7 -4.20 -1.63 12.80
CA ALA A 7 -4.32 -1.17 13.27
C ALA A 7 -3.90 -0.17 12.50
C ALA A 7 -3.87 0.20 12.79
N GLU A 8 -2.82 0.37 13.08
N GLU A 8 -2.74 0.69 13.31
CA GLU A 8 -2.37 1.71 12.73
CA GLU A 8 -2.18 1.93 12.82
C GLU A 8 -1.85 1.75 11.30
C GLU A 8 -1.78 1.80 11.35
N ALA A 9 -1.07 0.74 10.90
N ALA A 9 -1.11 0.71 10.98
CA ALA A 9 -0.61 0.68 9.53
CA ALA A 9 -0.77 0.51 9.57
C ALA A 9 -1.77 0.44 8.56
C ALA A 9 -2.03 0.36 8.70
N ALA A 10 -2.77 -0.33 8.99
N ALA A 10 -3.07 -0.27 9.23
CA ALA A 10 -3.93 -0.59 8.14
CA ALA A 10 -4.27 -0.45 8.43
C ALA A 10 -4.74 0.68 7.92
C ALA A 10 -4.95 0.89 8.14
N ALA A 11 -4.77 1.59 8.89
N ALA A 11 -4.96 1.79 9.14
CA ALA A 11 -5.45 2.87 8.68
CA ALA A 11 -5.60 3.08 8.90
C ALA A 11 -4.71 3.73 7.67
C ALA A 11 -4.81 3.91 7.89
N VAL A 12 -3.37 3.71 7.71
N VAL A 12 -3.48 3.86 7.98
CA VAL A 12 -2.59 4.44 6.71
CA VAL A 12 -2.65 4.55 6.98
C VAL A 12 -2.86 3.89 5.33
C VAL A 12 -2.93 3.98 5.60
N GLY A 13 -2.95 2.57 5.20
N GLY A 13 -3.04 2.65 5.49
CA GLY A 13 -3.29 1.98 3.91
CA GLY A 13 -3.42 2.05 4.22
C GLY A 13 -4.67 2.40 3.43
C GLY A 13 -4.74 2.58 3.71
N GLN A 14 -5.63 2.52 4.35
N GLN A 14 -5.72 2.72 4.60
CA GLN A 14 -6.98 2.90 3.97
CA GLN A 14 -7.03 3.23 4.23
C GLN A 14 -7.04 4.37 3.57
C GLN A 14 -6.96 4.68 3.78
N GLU A 15 -6.21 5.22 4.18
N GLU A 15 -6.01 5.45 4.31
CA GLU A 15 -6.12 6.60 3.73
CA GLU A 15 -5.88 6.84 3.90
C GLU A 15 -5.60 6.66 2.30
C GLU A 15 -5.43 6.94 2.46
N ALA A 16 -4.60 5.83 1.98
N ALA A 16 -4.56 6.03 2.05
CA ALA A 16 -4.09 5.81 0.62
CA ALA A 16 -4.12 5.98 0.66
C ALA A 16 -5.16 5.38 -0.37
C ALA A 16 -5.26 5.56 -0.26
N VAL A 17 -6.05 4.48 0.04
N VAL A 17 -6.07 4.57 0.15
CA VAL A 17 -7.17 4.09 -0.82
CA VAL A 17 -7.25 4.21 -0.64
C VAL A 17 -8.11 5.28 -1.04
C VAL A 17 -8.08 5.45 -0.93
N ALA A 18 -8.40 6.02 0.04
N ALA A 18 -8.39 6.20 0.13
CA ALA A 18 -9.28 7.18 -0.08
CA ALA A 18 -9.25 7.37 0.01
C ALA A 18 -8.67 8.24 -0.97
C ALA A 18 -8.64 8.39 -0.93
N VAL A 19 -7.38 8.53 -0.79
N VAL A 19 -7.35 8.71 -0.74
CA VAL A 19 -6.71 9.50 -1.66
CA VAL A 19 -6.69 9.68 -1.59
C VAL A 19 -6.61 8.98 -3.08
C VAL A 19 -6.59 9.18 -3.03
N PHE A 20 -6.33 7.68 -3.23
N PHE A 20 -6.33 7.87 -3.19
CA PHE A 20 -6.21 7.10 -4.57
CA PHE A 20 -6.22 7.30 -4.53
C PHE A 20 -7.51 7.25 -5.35
C PHE A 20 -7.50 7.48 -5.31
N ASN A 21 -8.65 7.02 -4.70
N ASN A 21 -8.66 7.26 -4.67
CA ASN A 21 -9.93 7.14 -5.39
CA ASN A 21 -9.90 7.36 -5.42
C ASN A 21 -10.24 8.59 -5.73
C ASN A 21 -10.24 8.80 -5.77
N THR A 22 -9.82 9.53 -4.89
N THR A 22 -9.92 9.73 -4.88
CA THR A 22 -9.98 10.94 -5.21
CA THR A 22 -10.08 11.14 -5.19
C THR A 22 -9.07 11.33 -6.37
C THR A 22 -9.18 11.51 -6.37
N MET A 23 -7.84 10.81 -6.39
N MET A 23 -7.97 10.96 -6.37
CA MET A 23 -6.94 11.08 -7.50
CA MET A 23 -7.02 11.23 -7.45
C MET A 23 -7.48 10.51 -8.80
C MET A 23 -7.51 10.68 -8.77
N LYS A 24 -8.12 9.34 -8.73
N LYS A 24 -8.06 9.45 -8.77
CA LYS A 24 -8.68 8.73 -9.94
CA LYS A 24 -8.59 8.85 -9.97
C LYS A 24 -9.77 9.61 -10.54
C LYS A 24 -9.70 9.74 -10.54
N ALA A 25 -10.58 10.25 -9.68
CA ALA A 25 -11.63 11.16 -10.18
C ALA A 25 -11.03 12.41 -10.79
N ALA A 26 -10.02 12.98 -10.14
CA ALA A 26 -9.33 14.16 -10.67
C ALA A 26 -8.68 13.86 -12.02
N PHE A 27 -8.03 12.70 -12.15
CA PHE A 27 -7.45 12.29 -13.44
C PHE A 27 -8.53 12.22 -14.53
N GLN A 28 -9.63 11.53 -14.23
CA GLN A 28 -10.71 11.43 -15.21
C GLN A 28 -11.22 12.80 -15.60
N ASN A 29 -11.32 13.73 -14.65
CA ASN A 29 -11.85 15.07 -14.95
C ASN A 29 -10.84 16.00 -15.64
N GLY A 30 -9.58 15.61 -15.73
CA GLY A 30 -8.56 16.42 -16.37
C GLY A 30 -7.91 17.44 -15.48
N ASP A 31 -8.07 17.32 -14.16
N ASP A 31 -8.00 17.30 -14.16
CA ASP A 31 -7.56 18.28 -13.19
CA ASP A 31 -7.50 18.31 -13.23
C ASP A 31 -6.15 17.86 -12.80
C ASP A 31 -6.08 17.92 -12.83
N LYS A 32 -5.20 18.21 -13.67
N LYS A 32 -5.13 18.27 -13.70
CA LYS A 32 -3.83 17.74 -13.50
CA LYS A 32 -3.76 17.79 -13.54
C LYS A 32 -3.14 18.41 -12.31
C LYS A 32 -3.08 18.38 -12.30
N GLU A 33 -3.55 19.63 -11.97
N GLU A 33 -3.34 19.65 -11.98
CA GLU A 33 -2.99 20.26 -10.77
CA GLU A 33 -2.71 20.22 -10.79
C GLU A 33 -3.39 19.49 -9.51
C GLU A 33 -3.15 19.50 -9.53
N ALA A 34 -4.64 19.02 -9.46
N ALA A 34 -4.43 19.12 -9.46
CA ALA A 34 -5.07 18.20 -8.33
CA ALA A 34 -4.89 18.29 -8.35
C ALA A 34 -4.39 16.84 -8.33
C ALA A 34 -4.21 16.93 -8.36
N VAL A 35 -4.18 16.26 -9.53
CA VAL A 35 -3.52 14.95 -9.59
C VAL A 35 -2.09 15.03 -9.07
N ALA A 36 -1.34 16.06 -9.48
CA ALA A 36 0.04 16.20 -9.04
C ALA A 36 0.12 16.21 -7.51
N GLN A 37 -0.77 16.96 -6.86
N GLN A 37 -0.76 16.97 -6.87
CA GLN A 37 -0.75 17.02 -5.40
CA GLN A 37 -0.70 17.06 -5.42
C GLN A 37 -1.15 15.67 -4.80
C GLN A 37 -1.10 15.76 -4.77
N TYR A 38 -2.18 15.03 -5.34
N TYR A 38 -2.14 15.10 -5.29
CA TYR A 38 -2.59 13.72 -4.83
CA TYR A 38 -2.53 13.78 -4.78
C TYR A 38 -1.47 12.70 -4.97
C TYR A 38 -1.42 12.75 -4.93
N LEU A 39 -0.71 12.77 -6.06
CA LEU A 39 0.38 11.82 -6.27
C LEU A 39 1.50 12.03 -5.24
N ALA A 40 1.84 13.28 -4.91
CA ALA A 40 2.81 13.52 -3.85
C ALA A 40 2.29 13.03 -2.50
N ARG A 41 1.00 13.27 -2.22
N ARG A 41 1.02 13.31 -2.21
CA ARG A 41 0.41 12.80 -0.98
CA ARG A 41 0.40 12.86 -0.96
C ARG A 41 0.43 11.28 -0.90
C ARG A 41 0.46 11.34 -0.84
N LEU A 42 0.19 10.61 -2.02
N LEU A 42 0.09 10.67 -1.91
CA LEU A 42 0.23 9.15 -2.03
CA LEU A 42 0.15 9.22 -1.96
C LEU A 42 1.65 8.63 -1.84
C LEU A 42 1.57 8.70 -1.77
N ALA A 43 2.63 9.31 -2.41
N ALA A 43 2.57 9.33 -2.41
CA ALA A 43 4.01 8.88 -2.22
CA ALA A 43 3.93 8.85 -2.25
C ALA A 43 4.41 8.92 -0.75
C ALA A 43 4.31 8.86 -0.79
N SER A 44 3.88 9.91 -0.02
N SER A 44 3.96 9.93 -0.09
CA SER A 44 4.19 10.00 1.41
CA SER A 44 4.26 10.00 1.32
C SER A 44 3.48 8.91 2.19
C SER A 44 3.51 8.92 2.08
N LEU A 45 2.23 8.58 1.82
N LEU A 45 2.24 8.71 1.75
CA LEU A 45 1.49 7.55 2.53
CA LEU A 45 1.43 7.71 2.45
C LEU A 45 2.09 6.17 2.28
C LEU A 45 1.96 6.29 2.22
N TYR A 46 2.50 5.89 1.05
N TYR A 46 2.37 5.99 0.99
CA TYR A 46 3.09 4.58 0.76
CA TYR A 46 2.89 4.67 0.69
C TYR A 46 4.44 4.42 1.44
C TYR A 46 4.26 4.46 1.31
N THR A 47 5.23 5.49 1.51
N THR A 47 5.07 5.52 1.40
CA THR A 47 6.49 5.44 2.24
CA THR A 47 6.36 5.38 2.06
C THR A 47 6.26 5.17 3.72
C THR A 47 6.16 5.08 3.54
N ARG A 48 5.25 5.83 4.29
N ARG A 48 5.18 5.75 4.15
CA ARG A 48 4.92 5.59 5.69
CA ARG A 48 4.88 5.54 5.57
C ARG A 48 4.36 4.19 5.91
C ARG A 48 4.35 4.13 5.81
N HIS A 49 3.49 3.73 5.02
N HIS A 49 3.40 3.68 4.99
CA HIS A 49 2.91 2.39 5.17
CA HIS A 49 2.88 2.34 5.16
C HIS A 49 3.98 1.32 5.04
C HIS A 49 3.98 1.30 5.04
N GLU A 50 4.86 1.44 4.04
CA GLU A 50 5.97 0.51 3.88
C GLU A 50 6.82 0.44 5.13
N GLU A 51 7.14 1.59 5.73
N GLU A 51 7.08 1.58 5.77
CA GLU A 51 8.02 1.59 6.89
CA GLU A 51 7.89 1.59 7.00
C GLU A 51 7.35 0.92 8.08
C GLU A 51 7.16 0.86 8.12
N LEU A 52 6.04 1.08 8.23
N LEU A 52 5.86 1.12 8.30
CA LEU A 52 5.33 0.43 9.32
CA LEU A 52 5.11 0.43 9.35
C LEU A 52 5.23 -1.07 9.10
C LEU A 52 5.08 -1.06 9.13
N LEU A 53 4.96 -1.49 7.87
CA LEU A 53 4.90 -2.91 7.55
C LEU A 53 6.24 -3.56 7.85
N ASN A 54 7.34 -2.87 7.54
N ASN A 54 7.35 -2.86 7.57
CA ASN A 54 8.66 -3.46 7.78
CA ASN A 54 8.64 -3.48 7.85
C ASN A 54 8.91 -3.65 9.27
C ASN A 54 8.85 -3.61 9.35
N ARG A 55 8.55 -2.65 10.08
N ARG A 55 8.40 -2.63 10.12
CA ARG A 55 8.71 -2.79 11.52
CA ARG A 55 8.51 -2.74 11.56
C ARG A 55 7.88 -3.94 12.07
C ARG A 55 7.68 -3.90 12.10
N ILE A 56 6.66 -4.11 11.55
N ILE A 56 6.49 -4.11 11.56
CA ILE A 56 5.80 -5.21 11.99
CA ILE A 56 5.68 -5.26 11.98
C ILE A 56 6.41 -6.55 11.63
C ILE A 56 6.37 -6.58 11.62
N LEU A 57 6.91 -6.68 10.40
CA LEU A 57 7.60 -7.91 9.99
C LEU A 57 8.83 -8.16 10.85
N GLU A 58 9.63 -7.12 11.10
N GLU A 58 9.60 -7.11 11.12
CA GLU A 58 10.82 -7.30 11.92
CA GLU A 58 10.80 -7.28 11.94
C GLU A 58 10.44 -7.69 13.34
C GLU A 58 10.40 -7.73 13.35
N LYS A 59 9.31 -7.19 13.84
N LYS A 59 9.29 -7.22 13.88
CA LYS A 59 8.88 -7.52 15.19
CA LYS A 59 8.86 -7.61 15.21
C LYS A 59 8.31 -8.93 15.27
C LYS A 59 8.37 -9.05 15.21
N ALA A 60 7.51 -9.32 14.28
N ALA A 60 7.66 -9.44 14.16
CA ALA A 60 6.99 -10.68 14.23
CA ALA A 60 7.29 -10.85 14.02
C ALA A 60 8.12 -11.69 14.19
C ALA A 60 8.52 -11.76 14.02
N ARG A 61 9.21 -11.37 13.47
N ARG A 61 9.62 -11.36 13.37
CA ARG A 61 10.37 -12.25 13.47
CA ARG A 61 10.79 -12.21 13.27
C ARG A 61 10.92 -12.40 14.89
C ARG A 61 11.49 -12.35 14.62
N ARG A 62 11.23 -11.26 15.53
N ARG A 62 11.62 -11.23 15.32
CA ARG A 62 11.80 -11.31 16.87
CA ARG A 62 12.22 -11.27 16.65
C ARG A 62 10.86 -11.95 17.88
C ARG A 62 11.37 -12.09 17.61
N GLU A 63 9.57 -11.98 17.59
N GLU A 63 10.05 -12.06 17.45
CA GLU A 63 8.60 -12.63 18.46
CA GLU A 63 9.17 -12.94 18.22
C GLU A 63 8.43 -14.12 18.13
C GLU A 63 9.32 -14.40 17.83
N GLY A 64 9.22 -14.65 17.21
N GLY A 64 9.96 -14.71 16.72
CA GLY A 64 9.10 -16.05 16.84
CA GLY A 64 9.90 -16.06 16.20
C GLY A 64 7.72 -16.41 16.31
C GLY A 64 8.53 -16.57 15.84
N ASN A 65 7.04 -15.46 15.68
N ASN A 65 7.59 -15.68 15.49
CA ASN A 65 5.68 -15.67 15.19
CA ASN A 65 6.21 -16.03 15.13
C ASN A 65 5.75 -16.14 13.74
C ASN A 65 6.19 -16.45 13.67
N LYS A 66 6.10 -17.43 13.58
N LYS A 66 6.24 -17.75 13.43
CA LYS A 66 6.46 -17.98 12.28
CA LYS A 66 6.50 -18.24 12.07
C LYS A 66 5.35 -17.72 11.27
C LYS A 66 5.34 -17.91 11.15
N GLU A 67 4.10 -18.05 11.62
CA GLU A 67 3.01 -17.85 10.68
C GLU A 67 2.88 -16.39 10.30
N ALA A 68 3.00 -15.47 11.28
N ALA A 68 3.07 -15.48 11.28
CA ALA A 68 2.90 -14.06 10.91
CA ALA A 68 3.08 -14.06 10.99
C ALA A 68 4.05 -13.63 10.02
C ALA A 68 4.20 -13.71 10.02
N VAL A 69 5.23 -14.25 10.20
N VAL A 69 5.40 -14.26 10.23
CA VAL A 69 6.38 -13.90 9.35
CA VAL A 69 6.53 -13.98 9.35
C VAL A 69 6.15 -14.39 7.92
C VAL A 69 6.21 -14.41 7.93
N THR A 70 5.70 -15.63 7.77
CA THR A 70 5.35 -16.13 6.44
C THR A 70 4.38 -15.19 5.74
N LEU A 71 3.29 -14.84 6.42
CA LEU A 71 2.27 -13.98 5.82
C LEU A 71 2.80 -12.58 5.52
N MET A 72 3.57 -12.00 6.43
CA MET A 72 4.12 -10.67 6.16
C MET A 72 5.17 -10.70 5.05
N ASN A 73 5.93 -11.79 4.90
CA ASN A 73 6.83 -11.93 3.76
C ASN A 73 6.06 -11.90 2.43
N GLU A 74 4.95 -12.63 2.37
N GLU A 74 4.97 -12.66 2.35
CA GLU A 74 4.15 -12.63 1.15
CA GLU A 74 4.14 -12.65 1.15
C GLU A 74 3.48 -11.28 0.93
C GLU A 74 3.54 -11.26 0.95
N PHE A 75 3.08 -10.60 2.00
N PHE A 75 3.03 -10.66 2.03
CA PHE A 75 2.38 -9.34 1.86
CA PHE A 75 2.34 -9.38 1.89
C PHE A 75 3.32 -8.21 1.47
C PHE A 75 3.29 -8.29 1.45
N THR A 76 4.51 -8.17 2.05
N THR A 76 4.49 -8.25 2.04
CA THR A 76 5.46 -7.12 1.70
CA THR A 76 5.46 -7.23 1.67
C THR A 76 5.99 -7.29 0.27
C THR A 76 5.96 -7.43 0.23
N ALA A 77 5.99 -8.52 -0.25
N ALA A 77 6.06 -8.66 -0.24
CA ALA A 77 6.36 -8.73 -1.64
CA ALA A 77 6.47 -8.88 -1.62
C ALA A 77 5.28 -8.18 -2.58
C ALA A 77 5.44 -8.30 -2.55
N THR A 78 4.01 -8.42 -2.24
N THR A 78 4.15 -8.54 -2.25
CA THR A 78 2.92 -7.85 -3.02
CA THR A 78 3.09 -7.97 -3.07
C THR A 78 2.93 -6.33 -2.92
C THR A 78 3.11 -6.45 -2.98
N PHE A 79 3.30 -5.78 -1.76
N PHE A 79 3.43 -5.91 -1.80
CA PHE A 79 3.39 -4.33 -1.61
CA PHE A 79 3.50 -4.46 -1.65
C PHE A 79 4.36 -3.75 -2.63
C PHE A 79 4.54 -3.86 -2.59
N GLN A 80 5.54 -4.36 -2.77
N GLN A 80 5.64 -4.56 -2.83
CA GLN A 80 6.52 -3.85 -3.71
CA GLN A 80 6.66 -4.03 -3.73
C GLN A 80 6.00 -3.91 -5.14
C GLN A 80 6.17 -4.03 -5.16
N THR A 81 5.14 -4.88 -5.45
N THR A 81 5.30 -4.98 -5.51
CA THR A 81 4.52 -4.94 -6.77
CA THR A 81 4.66 -4.97 -6.81
C THR A 81 3.60 -3.74 -6.97
C THR A 81 3.84 -3.71 -6.97
N GLY A 82 2.88 -3.34 -5.92
N GLY A 82 3.03 -3.40 -5.95
CA GLY A 82 2.05 -2.15 -6.03
CA GLY A 82 2.26 -2.17 -6.02
C GLY A 82 2.86 -0.88 -6.11
C GLY A 82 3.16 -0.95 -6.13
N LYS A 83 3.96 -0.80 -5.34
N LYS A 83 4.24 -0.93 -5.35
CA LYS A 83 4.79 0.40 -5.33
CA LYS A 83 5.19 0.16 -5.36
C LYS A 83 5.46 0.58 -6.68
C LYS A 83 5.78 0.37 -6.76
N SER A 84 6.00 -0.51 -7.26
N SER A 84 6.15 -0.72 -7.43
CA SER A 84 6.59 -0.40 -8.59
CA SER A 84 6.74 -0.57 -8.77
C SER A 84 5.58 0.09 -9.60
C SER A 84 5.71 -0.03 -9.73
N ILE A 85 4.33 -0.38 -9.51
N ILE A 85 4.49 -0.55 -9.67
CA ILE A 85 3.29 0.09 -10.42
CA ILE A 85 3.45 -0.02 -10.54
C ILE A 85 2.98 1.56 -10.14
C ILE A 85 3.13 1.43 -10.20
N PHE A 86 3.00 1.96 -8.87
N PHE A 86 3.10 1.78 -8.92
CA PHE A 86 2.74 3.35 -8.54
CA PHE A 86 2.80 3.16 -8.57
C PHE A 86 3.83 4.27 -9.07
C PHE A 86 3.87 4.09 -9.12
N ASN A 87 5.09 3.86 -8.95
N ASN A 87 5.14 3.72 -8.97
CA ASN A 87 6.19 4.68 -9.46
CA ASN A 87 6.23 4.53 -9.49
C ASN A 87 6.12 4.80 -10.98
C ASN A 87 6.11 4.69 -11.00
N ALA A 88 5.71 3.74 -11.66
N ALA A 88 5.68 3.64 -11.69
CA ALA A 88 5.50 3.83 -13.10
CA ALA A 88 5.49 3.76 -13.13
C ALA A 88 4.32 4.72 -13.44
C ALA A 88 4.34 4.72 -13.46
N MET A 89 3.30 4.74 -12.58
N MET A 89 3.28 4.68 -12.67
CA MET A 89 2.16 5.63 -12.79
CA MET A 89 2.18 5.61 -12.86
C MET A 89 2.55 7.08 -12.57
C MET A 89 2.66 7.05 -12.70
N VAL A 90 3.46 7.34 -11.64
N VAL A 90 3.42 7.30 -11.65
CA VAL A 90 3.97 8.69 -11.44
CA VAL A 90 3.92 8.65 -11.43
C VAL A 90 4.81 9.11 -12.64
C VAL A 90 4.76 9.10 -12.62
N ALA A 91 5.59 8.19 -13.20
N ALA A 91 5.55 8.19 -13.19
CA ALA A 91 6.40 8.51 -14.37
CA ALA A 91 6.37 8.56 -14.35
C ALA A 91 5.54 8.76 -15.59
C ALA A 91 5.52 8.78 -15.58
N ALA A 92 4.45 8.00 -15.75
CA ALA A 92 3.53 8.25 -16.85
C ALA A 92 2.88 9.62 -16.72
N PHE A 93 2.59 10.05 -15.51
CA PHE A 93 2.00 11.38 -15.37
C PHE A 93 3.01 12.44 -15.74
N LYS A 94 4.26 12.30 -15.28
N LYS A 94 4.25 12.27 -15.30
CA LYS A 94 5.31 13.25 -15.63
CA LYS A 94 5.31 13.23 -15.61
C LYS A 94 5.47 13.34 -17.14
C LYS A 94 5.54 13.32 -17.11
N ASN A 95 5.42 12.21 -17.83
N ASN A 95 5.42 12.19 -17.81
CA ASN A 95 5.63 12.15 -19.27
CA ASN A 95 5.62 12.15 -19.26
C ASN A 95 4.39 12.52 -20.09
C ASN A 95 4.40 12.53 -20.08
N GLY A 96 3.28 12.88 -19.44
CA GLY A 96 2.06 13.17 -20.19
C GLY A 96 1.48 12.01 -20.95
N ASP A 97 1.70 10.79 -20.46
CA ASP A 97 1.25 9.58 -21.14
C ASP A 97 -0.01 9.10 -20.43
N ASP A 98 -1.15 9.54 -20.91
CA ASP A 98 -2.40 9.24 -20.23
C ASP A 98 -2.79 7.78 -20.44
N ASP A 99 -2.40 7.20 -21.58
N ASP A 99 -2.44 7.21 -21.59
CA ASP A 99 -2.72 5.80 -21.83
CA ASP A 99 -2.71 5.79 -21.82
C ASP A 99 -2.04 4.89 -20.81
C ASP A 99 -2.04 4.94 -20.75
N SER A 100 -0.75 5.12 -20.56
CA SER A 100 -0.05 4.34 -19.55
C SER A 100 -0.58 4.64 -18.17
N PHE A 101 -0.86 5.91 -17.86
CA PHE A 101 -1.39 6.23 -16.53
C PHE A 101 -2.66 5.43 -16.25
N GLU A 102 -3.56 5.37 -17.23
N GLU A 102 -3.59 5.43 -17.20
CA GLU A 102 -4.76 4.55 -17.12
CA GLU A 102 -4.85 4.72 -17.00
C GLU A 102 -4.39 3.09 -16.89
C GLU A 102 -4.61 3.25 -16.77
N SER A 103 -3.47 2.56 -17.70
N SER A 103 -3.73 2.66 -17.59
CA SER A 103 -3.10 1.15 -17.60
CA SER A 103 -3.35 1.27 -17.45
C SER A 103 -2.52 0.81 -16.24
C SER A 103 -2.83 0.98 -16.04
N TYR A 104 -1.85 1.77 -15.60
CA TYR A 104 -1.23 1.51 -14.30
C TYR A 104 -2.22 1.71 -13.18
N LEU A 105 -3.11 2.69 -13.31
N LEU A 105 -3.10 2.69 -13.30
CA LEU A 105 -4.15 2.90 -12.31
CA LEU A 105 -4.15 2.89 -12.31
C LEU A 105 -5.03 1.65 -12.18
C LEU A 105 -4.99 1.63 -12.17
N GLN A 106 -5.40 1.05 -13.30
CA GLN A 106 -6.20 -0.18 -13.26
C GLN A 106 -5.42 -1.34 -12.66
N ALA A 107 -4.14 -1.47 -13.02
N ALA A 107 -4.16 -1.51 -13.07
CA ALA A 107 -3.33 -2.56 -12.48
CA ALA A 107 -3.37 -2.63 -12.57
C ALA A 107 -3.12 -2.40 -10.98
C ALA A 107 -3.17 -2.54 -11.07
N LEU A 108 -2.93 -1.16 -10.52
N LEU A 108 -2.91 -1.33 -10.60
CA LEU A 108 -2.73 -0.92 -9.10
CA LEU A 108 -2.68 -1.12 -9.17
C LEU A 108 -3.99 -1.19 -8.29
C LEU A 108 -3.93 -1.47 -8.37
N GLU A 109 -5.16 -1.11 -8.92
N GLU A 109 -5.11 -1.12 -8.88
CA GLU A 109 -6.40 -1.48 -8.23
CA GLU A 109 -6.34 -1.52 -8.20
C GLU A 109 -6.53 -2.98 -8.07
C GLU A 109 -6.42 -3.02 -8.04
N LYS A 110 -6.18 -3.74 -9.13
N LYS A 110 -6.00 -3.77 -9.06
CA LYS A 110 -6.31 -5.19 -9.07
CA LYS A 110 -6.10 -5.23 -8.96
C LYS A 110 -5.26 -5.79 -8.14
C LYS A 110 -5.02 -5.80 -8.05
N VAL A 111 -4.05 -5.23 -8.10
N VAL A 111 -3.82 -5.22 -8.06
CA VAL A 111 -3.04 -5.70 -7.16
CA VAL A 111 -2.77 -5.70 -7.17
C VAL A 111 -3.47 -5.42 -5.73
C VAL A 111 -3.14 -5.45 -5.71
N THR A 112 -4.06 -4.26 -5.49
N THR A 112 -3.68 -4.27 -5.40
CA THR A 112 -4.51 -3.93 -4.13
CA THR A 112 -3.95 -3.97 -3.99
C THR A 112 -5.70 -4.81 -3.73
C THR A 112 -5.13 -4.79 -3.46
N ALA A 113 -6.67 -4.99 -4.62
N ALA A 113 -6.16 -5.00 -4.28
CA ALA A 113 -7.83 -5.80 -4.29
CA ALA A 113 -7.26 -5.83 -3.81
C ALA A 113 -7.44 -7.26 -4.07
C ALA A 113 -6.80 -7.27 -3.54
N LYS A 114 -6.46 -7.76 -4.83
N LYS A 114 -6.07 -7.86 -4.49
CA LYS A 114 -6.06 -9.17 -4.69
CA LYS A 114 -5.47 -9.17 -4.24
C LYS A 114 -5.46 -9.44 -3.32
C LYS A 114 -4.63 -9.15 -2.97
N GLY A 115 -4.71 -8.48 -2.77
N GLY A 115 -3.82 -8.12 -2.80
CA GLY A 115 -4.01 -8.70 -1.53
CA GLY A 115 -2.96 -8.09 -1.62
C GLY A 115 -4.74 -8.20 -0.30
C GLY A 115 -3.76 -8.10 -0.32
N GLU A 116 -6.06 -8.27 -0.33
N GLU A 116 -4.87 -7.40 -0.31
CA GLU A 116 -6.87 -7.88 0.82
CA GLU A 116 -5.58 -7.24 0.95
C GLU A 116 -7.23 -9.06 1.72
C GLU A 116 -6.38 -8.48 1.35
N THR A 117 -7.47 -10.23 1.15
N THR A 117 -6.51 -9.47 0.47
CA THR A 117 -7.67 -11.40 1.99
CA THR A 117 -7.15 -10.71 0.89
C THR A 117 -6.42 -11.65 2.84
C THR A 117 -6.30 -11.47 1.92
N LEU A 118 -5.24 -11.43 2.25
N LEU A 118 -5.02 -11.11 2.06
CA LEU A 118 -3.99 -11.59 3.00
CA LEU A 118 -4.16 -11.68 3.09
C LEU A 118 -3.80 -10.49 4.03
C LEU A 118 -4.34 -11.03 4.47
N ALA A 119 -4.26 -9.27 3.74
N ALA A 119 -5.12 -9.96 4.59
CA ALA A 119 -4.17 -8.20 4.73
CA ALA A 119 -5.16 -9.19 5.83
C ALA A 119 -5.03 -8.50 5.95
C ALA A 119 -5.75 -9.99 6.97
N ASP A 120 -6.20 -9.11 5.74
N ASP A 120 -6.86 -10.69 6.71
CA ASP A 120 -7.03 -9.50 6.86
CA ASP A 120 -7.52 -11.44 7.77
C ASP A 120 -6.47 -10.71 7.59
C ASP A 120 -6.54 -12.42 8.42
N GLN A 121 -5.79 -11.61 6.87
N GLN A 121 -5.75 -13.12 7.59
CA GLN A 121 -5.18 -12.76 7.52
CA GLN A 121 -4.81 -14.08 8.14
C GLN A 121 -4.12 -12.33 8.52
C GLN A 121 -3.69 -13.38 8.90
N ILE A 122 -3.33 -11.32 8.17
N ILE A 122 -3.23 -12.22 8.42
CA ILE A 122 -2.25 -10.88 9.04
CA ILE A 122 -2.17 -11.51 9.12
C ILE A 122 -2.80 -10.28 10.32
C ILE A 122 -2.65 -11.12 10.51
N ALA A 123 -3.90 -9.52 10.22
N ALA A 123 -3.87 -10.56 10.58
CA ALA A 123 -4.50 -8.92 11.41
CA ALA A 123 -4.39 -10.11 11.88
C ALA A 123 -4.86 -9.97 12.45
C ALA A 123 -4.47 -11.25 12.89
N LYS A 124 -5.23 -11.17 12.01
N LYS A 124 -4.94 -12.43 12.47
CA LYS A 124 -5.60 -12.24 12.92
CA LYS A 124 -5.03 -13.53 13.42
C LYS A 124 -4.41 -13.07 13.39
C LYS A 124 -3.66 -14.06 13.80
N ALA A 125 -3.30 -13.06 12.65
N ALA A 125 -2.68 -13.90 12.91
CA ALA A 125 -2.17 -13.91 12.95
CA ALA A 125 -1.39 -14.51 13.19
C ALA A 125 -1.21 -13.29 13.96
C ALA A 125 -0.53 -13.64 14.09
N LEU A 126 -1.11 -11.97 13.99
N LEU A 126 -0.69 -12.32 14.02
CA LEU A 126 -0.15 -11.29 14.86
CA LEU A 126 0.26 -11.43 14.67
C LEU A 126 -0.55 -11.45 16.32
C LEU A 126 0.33 -11.61 16.19
C10 9FH B . -0.26 -3.73 -2.42
C15 9FH B . -0.98 -0.59 -0.51
C01 9FH B . 2.96 0.88 -3.02
C02 9FH B . 2.26 1.85 -3.75
C03 9FH B . 0.90 1.64 -4.06
C04 9FH B . 0.21 0.50 -3.65
C05 9FH B . 0.92 -0.48 -2.91
C06 9FH B . 2.26 -0.26 -2.59
N07 9FH B . 0.26 -1.65 -2.46
C08 9FH B . -0.58 -1.77 -1.35
C09 9FH B . -0.92 -3.12 -1.32
N11 9FH B . 0.51 -2.87 -3.06
C12 9FH B . -1.85 -3.79 -0.35
O13 9FH B . -2.39 -3.06 0.53
O14 9FH B . -2.05 -5.02 -0.40
H1 9FH B . -0.24 -4.78 -2.72
H2 9FH B . -1.80 -0.04 -0.96
H3 9FH B . -0.16 0.13 -0.40
H4 9FH B . -1.28 -0.91 0.49
H5 9FH B . 4.01 1.03 -2.76
H6 9FH B . 2.77 2.74 -4.10
H7 9FH B . 0.38 2.40 -4.65
H8 9FH B . -0.84 0.36 -3.92
H9 9FH B . 2.80 -1.00 -2.01
#